data_6U31
#
_entry.id   6U31
#
_cell.length_a   44.420
_cell.length_b   51.420
_cell.length_c   78.850
_cell.angle_alpha   90.000
_cell.angle_beta   92.310
_cell.angle_gamma   90.000
#
_symmetry.space_group_name_H-M   'P 1 21 1'
#
loop_
_entity.id
_entity.type
_entity.pdbx_description
1 polymer 'Cytochrome P450'
2 non-polymer 'PROTOPORPHYRIN IX CONTAINING FE'
3 non-polymer '4-(1H-imidazol-1-yl)benzoic acid'
4 non-polymer 'CHLORIDE ION'
5 water water
#
_entity_poly.entity_id   1
_entity_poly.type   'polypeptide(L)'
_entity_poly.pdbx_seq_one_letter_code
;MISNSSAESISAPPNDSTIPHLAIDPFSLDFFDDPYPDQQTLRDAGPVVYLDKWNVYGVARYAEVHAVLNDPTTFCSSRG
VGLSDFKKEKPWRPPSLILEADPPAHTRPRAVLSKVLSPATMKTIRDGFAAAADAKVDELLQRGCIDAIADLAEAYPLSV
FPDAMGLKQEGREHLLPYAGLVFNAFGPPNELRQTAIERSAPHQAYVNEQCQRPNLAPGGFGACIHAFTDTGEITPDEAP
LLVRSLLSAGLDTTVNGIGAAVYCLARFPGELQRLRSDPTLARNAFEEAVRFESPVQTFFRTTTREVELGGAVIGEGEKV
LMFLGSANRDPRRWSDPDLYDITRKTSGHVGFGSGVHMCVGQLVARLEGEVMLSALARKVAAIDIDGPVKRRFNNTLRGL
ESLPVKLTPA
;
_entity_poly.pdbx_strand_id   A
#
loop_
_chem_comp.id
_chem_comp.type
_chem_comp.name
_chem_comp.formula
CL non-polymer 'CHLORIDE ION' 'Cl -1'
HEM non-polymer 'PROTOPORPHYRIN IX CONTAINING FE' 'C34 H32 Fe N4 O4'
PQP non-polymer '4-(1H-imidazol-1-yl)benzoic acid' 'C10 H8 N2 O2'
#
# COMPACT_ATOMS: atom_id res chain seq x y z
N THR A 18 -22.42 7.68 24.20
CA THR A 18 -21.55 8.82 23.98
C THR A 18 -20.80 8.72 22.65
N ILE A 19 -20.56 7.50 22.17
N ILE A 19 -20.57 7.50 22.18
CA ILE A 19 -19.89 7.34 20.88
CA ILE A 19 -19.93 7.28 20.89
C ILE A 19 -20.93 7.46 19.77
C ILE A 19 -20.96 7.47 19.77
N PRO A 20 -20.70 8.30 18.78
CA PRO A 20 -21.68 8.47 17.71
C PRO A 20 -21.75 7.25 16.80
N HIS A 21 -22.95 6.91 16.37
CA HIS A 21 -23.20 5.81 15.45
C HIS A 21 -23.48 6.35 14.06
N LEU A 22 -22.73 5.87 13.07
CA LEU A 22 -22.91 6.31 11.70
C LEU A 22 -23.25 5.13 10.80
N ALA A 23 -24.02 5.43 9.75
CA ALA A 23 -24.45 4.44 8.78
C ALA A 23 -23.54 4.40 7.55
N ILE A 24 -22.54 5.28 7.49
CA ILE A 24 -21.60 5.31 6.37
C ILE A 24 -20.99 3.93 6.19
N ASP A 25 -20.97 3.47 4.94
CA ASP A 25 -20.30 2.22 4.60
C ASP A 25 -19.00 2.56 3.88
N PRO A 26 -17.85 2.48 4.56
CA PRO A 26 -16.58 2.86 3.93
C PRO A 26 -16.09 1.85 2.91
N PHE A 27 -16.84 0.78 2.66
CA PHE A 27 -16.52 -0.20 1.64
C PHE A 27 -17.55 -0.20 0.51
N SER A 28 -18.37 0.83 0.44
CA SER A 28 -19.38 0.95 -0.62
C SER A 28 -18.77 1.60 -1.85
N LEU A 29 -19.31 1.27 -3.03
CA LEU A 29 -18.78 1.87 -4.25
C LEU A 29 -18.93 3.38 -4.24
N ASP A 30 -20.04 3.90 -3.70
CA ASP A 30 -20.20 5.36 -3.64
C ASP A 30 -19.10 5.99 -2.81
N PHE A 31 -18.73 5.35 -1.69
CA PHE A 31 -17.65 5.86 -0.86
C PHE A 31 -16.33 5.85 -1.61
N PHE A 32 -16.01 4.72 -2.24
CA PHE A 32 -14.76 4.64 -3.02
C PHE A 32 -14.72 5.71 -4.11
N ASP A 33 -15.86 5.97 -4.75
CA ASP A 33 -15.91 6.94 -5.84
C ASP A 33 -15.51 8.34 -5.37
N ASP A 34 -15.86 8.70 -4.14
CA ASP A 34 -15.46 10.00 -3.60
C ASP A 34 -15.50 9.91 -2.08
N PRO A 35 -14.39 9.55 -1.45
CA PRO A 35 -14.40 9.30 -0.01
C PRO A 35 -14.27 10.55 0.84
N TYR A 36 -13.94 11.69 0.27
CA TYR A 36 -13.49 12.80 1.11
C TYR A 36 -14.59 13.45 1.96
N PRO A 37 -15.79 13.68 1.43
CA PRO A 37 -16.86 14.20 2.32
C PRO A 37 -17.16 13.25 3.46
N ASP A 38 -17.33 11.97 3.17
CA ASP A 38 -17.62 11.01 4.24
C ASP A 38 -16.48 10.90 5.24
N GLN A 39 -15.23 11.02 4.78
CA GLN A 39 -14.11 11.01 5.72
C GLN A 39 -14.14 12.22 6.64
N GLN A 40 -14.53 13.40 6.12
CA GLN A 40 -14.68 14.54 7.02
C GLN A 40 -15.79 14.29 8.03
N THR A 41 -16.89 13.70 7.58
CA THR A 41 -17.99 13.40 8.50
C THR A 41 -17.53 12.43 9.59
N LEU A 42 -16.72 11.41 9.21
CA LEU A 42 -16.18 10.49 10.20
C LEU A 42 -15.25 11.18 11.20
N ARG A 43 -14.39 12.08 10.71
CA ARG A 43 -13.50 12.79 11.63
C ARG A 43 -14.29 13.71 12.54
N ASP A 44 -15.24 14.44 11.99
CA ASP A 44 -15.86 15.50 12.76
C ASP A 44 -16.91 14.98 13.70
N ALA A 45 -17.36 13.74 13.51
CA ALA A 45 -18.35 13.17 14.42
C ALA A 45 -17.78 12.92 15.80
N GLY A 46 -16.47 12.72 15.91
CA GLY A 46 -15.82 12.43 17.17
C GLY A 46 -14.53 11.69 16.95
N PRO A 47 -13.70 11.58 17.99
CA PRO A 47 -12.44 10.82 17.82
C PRO A 47 -12.67 9.34 17.59
N VAL A 48 -13.76 8.76 18.11
CA VAL A 48 -14.09 7.35 17.90
C VAL A 48 -15.55 7.29 17.48
N VAL A 49 -15.82 6.57 16.40
CA VAL A 49 -17.18 6.37 15.91
C VAL A 49 -17.49 4.88 15.92
N TYR A 50 -18.78 4.56 15.87
CA TYR A 50 -19.23 3.19 15.67
C TYR A 50 -19.91 3.09 14.32
N LEU A 51 -19.43 2.16 13.49
CA LEU A 51 -20.02 1.97 12.16
C LEU A 51 -21.05 0.84 12.23
N ASP A 52 -22.34 1.23 12.26
CA ASP A 52 -23.43 0.27 12.41
C ASP A 52 -23.51 -0.72 11.25
N LYS A 53 -23.00 -0.35 10.05
CA LYS A 53 -23.11 -1.24 8.91
C LYS A 53 -22.33 -2.53 9.12
N TRP A 54 -21.20 -2.45 9.83
CA TRP A 54 -20.33 -3.61 9.99
C TRP A 54 -20.01 -3.94 11.43
N ASN A 55 -20.56 -3.20 12.40
CA ASN A 55 -20.34 -3.46 13.82
C ASN A 55 -18.87 -3.40 14.19
N VAL A 56 -18.23 -2.29 13.81
CA VAL A 56 -16.84 -2.02 14.14
C VAL A 56 -16.74 -0.59 14.63
N TYR A 57 -15.71 -0.34 15.42
CA TYR A 57 -15.33 1.02 15.76
C TYR A 57 -14.48 1.60 14.64
N GLY A 58 -14.54 2.92 14.50
CA GLY A 58 -13.71 3.61 13.53
C GLY A 58 -12.97 4.77 14.14
N VAL A 59 -11.74 4.99 13.66
CA VAL A 59 -10.97 6.18 13.99
C VAL A 59 -10.49 6.80 12.68
N ALA A 60 -10.83 8.06 12.46
CA ALA A 60 -10.50 8.71 11.20
C ALA A 60 -9.60 9.93 11.38
N ARG A 61 -9.34 10.37 12.60
CA ARG A 61 -8.42 11.48 12.84
C ARG A 61 -6.99 10.97 12.95
N TYR A 62 -6.03 11.84 12.59
CA TYR A 62 -4.62 11.47 12.68
C TYR A 62 -4.26 10.99 14.09
N ALA A 63 -4.69 11.74 15.11
CA ALA A 63 -4.24 11.44 16.47
C ALA A 63 -4.60 10.02 16.89
N GLU A 64 -5.85 9.60 16.66
CA GLU A 64 -6.26 8.27 17.12
C GLU A 64 -5.73 7.16 16.22
N VAL A 65 -5.64 7.41 14.92
CA VAL A 65 -5.01 6.42 14.02
C VAL A 65 -3.57 6.17 14.47
N HIS A 66 -2.83 7.26 14.74
CA HIS A 66 -1.45 7.11 15.17
C HIS A 66 -1.36 6.39 16.51
N ALA A 67 -2.25 6.71 17.45
CA ALA A 67 -2.21 6.05 18.75
C ALA A 67 -2.49 4.56 18.62
N VAL A 68 -3.47 4.20 17.79
CA VAL A 68 -3.82 2.80 17.63
C VAL A 68 -2.67 2.03 17.00
N LEU A 69 -2.12 2.56 15.90
CA LEU A 69 -0.96 1.92 15.26
C LEU A 69 0.16 1.66 16.26
N ASN A 70 0.36 2.57 17.21
CA ASN A 70 1.53 2.52 18.08
C ASN A 70 1.26 1.83 19.41
N ASP A 71 0.11 1.18 19.57
CA ASP A 71 -0.14 0.30 20.72
C ASP A 71 -0.52 -1.07 20.18
N PRO A 72 0.46 -1.85 19.70
CA PRO A 72 0.13 -3.18 19.16
C PRO A 72 -0.27 -4.18 20.22
N THR A 73 0.07 -3.95 21.49
CA THR A 73 -0.39 -4.86 22.54
C THR A 73 -1.90 -4.78 22.71
N THR A 74 -2.43 -3.57 22.79
CA THR A 74 -3.87 -3.40 22.97
C THR A 74 -4.61 -3.63 21.68
N PHE A 75 -4.06 -3.14 20.55
CA PHE A 75 -4.72 -3.19 19.26
C PHE A 75 -3.93 -4.16 18.39
N CYS A 76 -4.27 -5.43 18.50
CA CYS A 76 -3.41 -6.46 17.96
C CYS A 76 -3.71 -6.73 16.49
N SER A 77 -2.77 -7.43 15.85
CA SER A 77 -2.89 -7.82 14.44
C SER A 77 -3.12 -9.30 14.25
N SER A 78 -2.90 -10.13 15.27
CA SER A 78 -2.98 -11.59 15.08
C SER A 78 -4.40 -12.10 14.98
N ARG A 79 -5.41 -11.29 15.33
CA ARG A 79 -6.77 -11.66 15.04
C ARG A 79 -7.22 -11.10 13.68
N GLY A 80 -6.26 -10.70 12.84
CA GLY A 80 -6.52 -10.26 11.48
C GLY A 80 -6.55 -8.75 11.38
N VAL A 81 -6.10 -8.23 10.24
CA VAL A 81 -6.13 -6.80 9.99
C VAL A 81 -7.19 -6.45 8.96
N GLY A 82 -8.04 -7.43 8.61
CA GLY A 82 -9.28 -7.17 7.92
C GLY A 82 -10.46 -7.20 8.88
N LEU A 83 -11.67 -7.16 8.31
CA LEU A 83 -12.87 -7.17 9.15
C LEU A 83 -12.97 -8.48 9.92
N SER A 84 -12.66 -9.61 9.29
CA SER A 84 -12.82 -10.90 9.93
C SER A 84 -11.92 -11.04 11.16
N ASP A 85 -12.48 -11.60 12.22
CA ASP A 85 -11.77 -11.86 13.46
C ASP A 85 -11.38 -13.32 13.45
N PHE A 86 -10.07 -13.60 13.40
CA PHE A 86 -9.61 -14.99 13.27
C PHE A 86 -9.96 -15.81 14.50
N LYS A 87 -10.30 -15.17 15.63
CA LYS A 87 -10.79 -15.91 16.78
C LYS A 87 -12.21 -16.42 16.56
N LYS A 88 -12.94 -15.83 15.61
N LYS A 88 -12.95 -15.82 15.63
CA LYS A 88 -14.33 -16.19 15.34
CA LYS A 88 -14.33 -16.20 15.33
C LYS A 88 -14.53 -16.91 14.00
C LYS A 88 -14.47 -16.97 14.04
N GLU A 89 -13.69 -16.64 13.01
CA GLU A 89 -13.82 -17.25 11.69
C GLU A 89 -12.47 -17.77 11.23
N LYS A 90 -12.52 -18.73 10.32
CA LYS A 90 -11.30 -19.25 9.72
C LYS A 90 -10.75 -18.22 8.73
N PRO A 91 -9.46 -17.92 8.75
CA PRO A 91 -8.90 -17.01 7.73
C PRO A 91 -9.03 -17.63 6.34
N TRP A 92 -9.16 -16.77 5.34
CA TRP A 92 -9.39 -17.26 3.98
C TRP A 92 -8.17 -18.00 3.44
N ARG A 93 -6.99 -17.75 3.98
CA ARG A 93 -5.77 -18.49 3.70
C ARG A 93 -4.96 -18.52 4.99
N PRO A 94 -3.95 -19.40 5.09
CA PRO A 94 -3.15 -19.43 6.34
C PRO A 94 -2.62 -18.04 6.68
N PRO A 95 -2.66 -17.64 7.96
CA PRO A 95 -2.28 -16.26 8.32
C PRO A 95 -0.86 -15.93 7.92
N SER A 96 -0.69 -14.69 7.46
CA SER A 96 0.62 -14.11 7.24
C SER A 96 1.46 -14.17 8.52
N LEU A 97 2.73 -14.58 8.38
CA LEU A 97 3.64 -14.63 9.51
C LEU A 97 4.14 -13.26 9.92
N ILE A 98 3.86 -12.22 9.15
CA ILE A 98 4.37 -10.90 9.52
C ILE A 98 3.21 -9.92 9.73
N LEU A 99 2.37 -9.71 8.70
CA LEU A 99 1.30 -8.73 8.83
C LEU A 99 0.29 -9.13 9.90
N GLU A 100 0.00 -10.43 10.00
CA GLU A 100 -1.04 -10.94 10.89
C GLU A 100 -0.45 -11.63 12.11
N ALA A 101 0.71 -11.16 12.55
CA ALA A 101 1.36 -11.66 13.76
C ALA A 101 1.62 -10.50 14.70
N ASP A 102 1.63 -10.81 16.00
CA ASP A 102 1.99 -9.84 17.02
C ASP A 102 3.36 -10.16 17.57
N PRO A 103 4.04 -9.19 18.17
CA PRO A 103 5.25 -9.51 18.95
C PRO A 103 4.86 -10.45 20.07
N PRO A 104 5.68 -11.46 20.38
CA PRO A 104 7.04 -11.64 19.85
C PRO A 104 7.14 -12.46 18.57
N ALA A 105 6.08 -13.16 18.18
CA ALA A 105 6.20 -14.02 16.99
C ALA A 105 6.49 -13.20 15.73
N HIS A 106 6.07 -11.94 15.73
CA HIS A 106 6.28 -11.05 14.58
C HIS A 106 7.74 -10.70 14.38
N THR A 107 8.53 -10.70 15.46
CA THR A 107 9.78 -9.94 15.47
C THR A 107 10.83 -10.52 14.54
N ARG A 108 11.06 -11.83 14.61
CA ARG A 108 12.15 -12.34 13.80
C ARG A 108 11.79 -12.43 12.31
N PRO A 109 10.58 -12.84 11.93
CA PRO A 109 10.22 -12.73 10.51
C PRO A 109 10.32 -11.31 9.98
N ARG A 110 9.90 -10.31 10.78
CA ARG A 110 10.07 -8.92 10.39
C ARG A 110 11.53 -8.58 10.17
N ALA A 111 12.40 -9.03 11.09
CA ALA A 111 13.83 -8.75 10.94
C ALA A 111 14.38 -9.32 9.64
N VAL A 112 13.94 -10.53 9.27
CA VAL A 112 14.38 -11.13 8.02
C VAL A 112 13.94 -10.29 6.83
N LEU A 113 12.66 -9.89 6.79
CA LEU A 113 12.23 -9.08 5.65
C LEU A 113 12.91 -7.72 5.64
N SER A 114 13.22 -7.16 6.80
N SER A 114 13.22 -7.16 6.80
CA SER A 114 13.93 -5.88 6.84
CA SER A 114 14.00 -5.92 6.85
C SER A 114 15.36 -6.00 6.31
C SER A 114 15.34 -6.08 6.12
N LYS A 115 15.97 -7.18 6.44
N LYS A 115 16.08 -7.15 6.46
CA LYS A 115 17.30 -7.38 5.88
CA LYS A 115 17.37 -7.34 5.83
C LYS A 115 17.26 -7.73 4.41
C LYS A 115 17.25 -7.70 4.37
N VAL A 116 16.20 -8.43 3.99
CA VAL A 116 16.02 -8.77 2.58
C VAL A 116 15.75 -7.50 1.77
N LEU A 117 14.98 -6.57 2.32
CA LEU A 117 14.62 -5.33 1.62
C LEU A 117 15.37 -4.13 2.19
N SER A 118 16.66 -4.29 2.40
CA SER A 118 17.47 -3.31 3.13
C SER A 118 18.13 -2.32 2.17
N PRO A 119 18.77 -1.29 2.74
CA PRO A 119 19.66 -0.41 1.95
C PRO A 119 20.64 -1.10 1.02
N ALA A 120 21.36 -2.12 1.51
CA ALA A 120 22.30 -2.81 0.63
C ALA A 120 21.56 -3.43 -0.55
N THR A 121 20.40 -4.03 -0.29
CA THR A 121 19.65 -4.54 -1.43
C THR A 121 19.31 -3.40 -2.37
N MET A 122 18.88 -2.25 -1.82
CA MET A 122 18.51 -1.14 -2.68
C MET A 122 19.68 -0.71 -3.53
N LYS A 123 20.89 -0.71 -2.96
CA LYS A 123 22.07 -0.36 -3.74
C LYS A 123 22.28 -1.34 -4.90
N THR A 124 21.97 -2.63 -4.68
N THR A 124 21.99 -2.63 -4.68
CA THR A 124 22.17 -3.63 -5.73
CA THR A 124 22.19 -3.59 -5.77
C THR A 124 21.15 -3.53 -6.85
C THR A 124 21.21 -3.36 -6.92
N ILE A 125 19.99 -2.93 -6.61
CA ILE A 125 18.92 -2.91 -7.62
C ILE A 125 18.68 -1.52 -8.21
N ARG A 126 19.18 -0.44 -7.59
CA ARG A 126 18.80 0.91 -7.99
C ARG A 126 19.12 1.20 -9.47
N ASP A 127 20.32 0.83 -9.94
CA ASP A 127 20.68 1.21 -11.30
C ASP A 127 19.75 0.56 -12.31
N GLY A 128 19.40 -0.71 -12.08
CA GLY A 128 18.50 -1.39 -12.99
C GLY A 128 17.10 -0.82 -12.93
N PHE A 129 16.62 -0.50 -11.72
CA PHE A 129 15.29 0.08 -11.58
C PHE A 129 15.20 1.44 -12.27
N ALA A 130 16.25 2.27 -12.13
CA ALA A 130 16.26 3.56 -12.80
C ALA A 130 16.33 3.41 -14.31
N ALA A 131 17.20 2.53 -14.82
CA ALA A 131 17.26 2.34 -16.26
C ALA A 131 15.92 1.89 -16.82
N ALA A 132 15.21 1.02 -16.12
CA ALA A 132 13.91 0.56 -16.59
C ALA A 132 12.88 1.68 -16.58
N ALA A 133 12.97 2.56 -15.58
CA ALA A 133 12.05 3.71 -15.52
C ALA A 133 12.30 4.67 -16.67
N ASP A 134 13.57 5.01 -16.92
CA ASP A 134 13.91 5.87 -18.05
C ASP A 134 13.48 5.24 -19.37
N ALA A 135 13.73 3.94 -19.52
CA ALA A 135 13.34 3.26 -20.75
C ALA A 135 11.85 3.30 -20.97
N LYS A 136 11.07 3.10 -19.90
CA LYS A 136 9.62 3.12 -20.02
C LYS A 136 9.13 4.50 -20.45
N VAL A 137 9.65 5.56 -19.84
CA VAL A 137 9.18 6.88 -20.21
C VAL A 137 9.57 7.22 -21.65
N ASP A 138 10.77 6.78 -22.08
CA ASP A 138 11.16 6.96 -23.48
C ASP A 138 10.19 6.26 -24.42
N GLU A 139 9.84 5.01 -24.10
CA GLU A 139 8.88 4.27 -24.91
C GLU A 139 7.52 4.95 -24.94
N LEU A 140 7.04 5.41 -23.79
CA LEU A 140 5.74 6.07 -23.74
C LEU A 140 5.75 7.35 -24.55
N LEU A 141 6.87 8.09 -24.54
CA LEU A 141 6.96 9.33 -25.31
C LEU A 141 6.87 9.08 -26.81
N GLN A 142 7.26 7.88 -27.28
CA GLN A 142 7.10 7.57 -28.69
C GLN A 142 5.63 7.38 -29.07
N ARG A 143 4.80 6.96 -28.12
CA ARG A 143 3.37 6.83 -28.35
C ARG A 143 2.61 8.12 -28.11
N GLY A 144 3.08 8.94 -27.17
CA GLY A 144 2.46 10.23 -26.89
C GLY A 144 1.22 10.11 -26.02
N CYS A 145 0.18 9.48 -26.54
CA CYS A 145 -1.07 9.27 -25.81
C CYS A 145 -1.08 7.84 -25.28
N ILE A 146 -1.14 7.69 -23.96
CA ILE A 146 -1.00 6.42 -23.30
C ILE A 146 -2.03 6.34 -22.18
N ASP A 147 -2.17 5.15 -21.60
CA ASP A 147 -2.93 4.97 -20.37
C ASP A 147 -1.94 4.89 -19.22
N ALA A 148 -1.95 5.90 -18.36
CA ALA A 148 -0.93 5.93 -17.30
C ALA A 148 -1.12 4.82 -16.28
N ILE A 149 -2.21 4.06 -16.34
CA ILE A 149 -2.32 2.89 -15.46
C ILE A 149 -1.69 1.70 -16.17
N ALA A 150 -2.36 1.12 -17.17
CA ALA A 150 -1.82 -0.08 -17.81
C ALA A 150 -0.41 0.14 -18.34
N ASP A 151 -0.16 1.29 -18.96
CA ASP A 151 1.10 1.47 -19.69
C ASP A 151 2.23 2.02 -18.83
N LEU A 152 1.94 2.43 -17.59
CA LEU A 152 2.98 3.04 -16.76
C LEU A 152 2.91 2.50 -15.35
N ALA A 153 1.83 2.81 -14.63
CA ALA A 153 1.74 2.40 -13.24
C ALA A 153 1.77 0.88 -13.08
N GLU A 154 1.17 0.14 -14.01
CA GLU A 154 1.27 -1.32 -14.02
C GLU A 154 2.52 -1.80 -14.74
N ALA A 155 2.77 -1.27 -15.94
CA ALA A 155 3.86 -1.79 -16.75
C ALA A 155 5.22 -1.63 -16.09
N TYR A 156 5.49 -0.48 -15.45
CA TYR A 156 6.81 -0.31 -14.88
C TYR A 156 7.06 -1.28 -13.72
N PRO A 157 6.21 -1.37 -12.70
CA PRO A 157 6.49 -2.38 -11.67
C PRO A 157 6.54 -3.80 -12.20
N LEU A 158 5.70 -4.14 -13.18
CA LEU A 158 5.79 -5.47 -13.77
C LEU A 158 7.13 -5.68 -14.45
N SER A 159 7.78 -4.61 -14.92
CA SER A 159 9.06 -4.77 -15.61
C SER A 159 10.24 -4.90 -14.66
N VAL A 160 10.09 -4.61 -13.36
CA VAL A 160 11.22 -4.71 -12.43
C VAL A 160 10.94 -5.64 -11.26
N PHE A 161 9.71 -5.66 -10.72
CA PHE A 161 9.56 -6.32 -9.42
C PHE A 161 9.54 -7.85 -9.53
N PRO A 162 8.79 -8.45 -10.48
CA PRO A 162 8.88 -9.91 -10.64
C PRO A 162 10.31 -10.39 -10.84
N ASP A 163 11.08 -9.68 -11.66
CA ASP A 163 12.49 -10.05 -11.83
C ASP A 163 13.27 -9.91 -10.51
N ALA A 164 13.03 -8.82 -9.76
CA ALA A 164 13.75 -8.64 -8.51
C ALA A 164 13.38 -9.69 -7.47
N MET A 165 12.16 -10.22 -7.55
CA MET A 165 11.77 -11.37 -6.72
C MET A 165 12.49 -12.63 -7.14
N GLY A 166 12.90 -12.74 -8.40
CA GLY A 166 13.41 -13.99 -8.94
C GLY A 166 12.37 -14.91 -9.53
N LEU A 167 11.21 -14.41 -9.94
CA LEU A 167 10.18 -15.25 -10.53
C LEU A 167 10.50 -15.61 -11.98
N LYS A 168 10.07 -16.80 -12.37
CA LYS A 168 10.12 -17.16 -13.79
C LYS A 168 9.17 -16.25 -14.56
N GLN A 169 9.30 -16.26 -15.90
CA GLN A 169 8.42 -15.46 -16.75
C GLN A 169 7.00 -16.02 -16.77
N GLU A 170 6.86 -17.33 -16.90
CA GLU A 170 5.55 -17.93 -17.11
C GLU A 170 4.66 -17.73 -15.89
N GLY A 171 3.43 -17.26 -16.12
CA GLY A 171 2.45 -17.16 -15.06
C GLY A 171 2.39 -15.83 -14.35
N ARG A 172 3.22 -14.87 -14.74
CA ARG A 172 3.21 -13.57 -14.07
C ARG A 172 1.88 -12.86 -14.19
N GLU A 173 1.04 -13.25 -15.15
CA GLU A 173 -0.28 -12.66 -15.28
C GLU A 173 -1.15 -12.92 -14.04
N HIS A 174 -0.76 -13.86 -13.18
CA HIS A 174 -1.49 -14.14 -11.95
C HIS A 174 -1.25 -13.10 -10.86
N LEU A 175 -0.20 -12.28 -10.98
CA LEU A 175 0.27 -11.52 -9.83
C LEU A 175 -0.68 -10.39 -9.45
N LEU A 176 -1.10 -9.59 -10.44
CA LEU A 176 -2.03 -8.51 -10.13
C LEU A 176 -3.39 -9.04 -9.69
N PRO A 177 -3.97 -10.06 -10.34
CA PRO A 177 -5.23 -10.62 -9.80
C PRO A 177 -5.07 -11.18 -8.41
N TYR A 178 -3.96 -11.85 -8.10
CA TYR A 178 -3.77 -12.36 -6.75
C TYR A 178 -3.75 -11.22 -5.74
N ALA A 179 -3.01 -10.16 -6.06
CA ALA A 179 -2.93 -9.05 -5.12
C ALA A 179 -4.29 -8.38 -4.95
N GLY A 180 -5.05 -8.21 -6.03
CA GLY A 180 -6.38 -7.65 -5.89
C GLY A 180 -7.25 -8.46 -4.95
N LEU A 181 -7.16 -9.80 -5.06
CA LEU A 181 -7.85 -10.70 -4.13
C LEU A 181 -7.42 -10.47 -2.70
N VAL A 182 -6.11 -10.43 -2.45
CA VAL A 182 -5.61 -10.24 -1.08
C VAL A 182 -6.16 -8.95 -0.48
N PHE A 183 -6.10 -7.87 -1.23
CA PHE A 183 -6.55 -6.61 -0.68
C PHE A 183 -8.07 -6.52 -0.60
N ASN A 184 -8.79 -7.18 -1.50
CA ASN A 184 -10.24 -7.25 -1.32
C ASN A 184 -10.61 -8.09 -0.10
N ALA A 185 -9.82 -9.12 0.19
CA ALA A 185 -10.16 -10.04 1.28
C ALA A 185 -10.04 -9.40 2.66
N PHE A 186 -9.30 -8.30 2.80
CA PHE A 186 -9.34 -7.59 4.08
C PHE A 186 -10.69 -6.95 4.33
N GLY A 187 -11.51 -6.77 3.31
CA GLY A 187 -12.75 -6.06 3.46
C GLY A 187 -13.82 -6.91 4.12
N PRO A 188 -14.98 -6.30 4.29
CA PRO A 188 -16.14 -7.03 4.78
C PRO A 188 -16.64 -8.00 3.72
N PRO A 189 -17.53 -8.91 4.08
CA PRO A 189 -18.04 -9.89 3.10
C PRO A 189 -19.06 -9.27 2.17
N ASN A 190 -18.61 -8.29 1.38
CA ASN A 190 -19.44 -7.67 0.35
C ASN A 190 -19.18 -8.37 -0.98
N GLU A 191 -19.80 -7.88 -2.04
CA GLU A 191 -19.66 -8.57 -3.31
C GLU A 191 -18.23 -8.50 -3.85
N LEU A 192 -17.54 -7.38 -3.62
CA LEU A 192 -16.13 -7.32 -4.03
C LEU A 192 -15.32 -8.47 -3.41
N ARG A 193 -15.52 -8.72 -2.11
CA ARG A 193 -14.75 -9.79 -1.46
C ARG A 193 -15.22 -11.15 -1.93
N GLN A 194 -16.54 -11.37 -1.99
CA GLN A 194 -17.09 -12.66 -2.38
C GLN A 194 -16.62 -13.06 -3.77
N THR A 195 -16.70 -12.15 -4.72
CA THR A 195 -16.28 -12.43 -6.09
C THR A 195 -14.79 -12.73 -6.15
N ALA A 196 -13.98 -11.98 -5.42
CA ALA A 196 -12.55 -12.21 -5.41
C ALA A 196 -12.23 -13.63 -4.95
N ILE A 197 -12.83 -14.05 -3.84
CA ILE A 197 -12.53 -15.37 -3.32
C ILE A 197 -13.02 -16.44 -4.27
N GLU A 198 -14.17 -16.20 -4.93
CA GLU A 198 -14.69 -17.15 -5.92
C GLU A 198 -13.69 -17.47 -7.00
N ARG A 199 -12.90 -16.47 -7.41
CA ARG A 199 -11.99 -16.61 -8.53
C ARG A 199 -10.56 -16.91 -8.10
N SER A 200 -10.36 -17.24 -6.82
CA SER A 200 -9.01 -17.22 -6.26
C SER A 200 -8.18 -18.47 -6.57
N ALA A 201 -8.82 -19.62 -6.80
CA ALA A 201 -8.07 -20.88 -6.77
C ALA A 201 -6.89 -20.93 -7.72
N PRO A 202 -7.00 -20.55 -9.01
CA PRO A 202 -5.79 -20.59 -9.87
C PRO A 202 -4.69 -19.64 -9.44
N HIS A 203 -5.04 -18.48 -8.87
CA HIS A 203 -4.02 -17.53 -8.45
C HIS A 203 -3.30 -17.99 -7.20
N GLN A 204 -4.05 -18.52 -6.23
CA GLN A 204 -3.42 -19.09 -5.04
C GLN A 204 -2.49 -20.22 -5.43
N ALA A 205 -2.90 -21.06 -6.38
CA ALA A 205 -2.09 -22.21 -6.79
C ALA A 205 -0.76 -21.76 -7.38
N TYR A 206 -0.81 -20.79 -8.31
CA TYR A 206 0.43 -20.28 -8.89
C TYR A 206 1.33 -19.68 -7.83
N VAL A 207 0.76 -18.87 -6.93
CA VAL A 207 1.58 -18.14 -5.97
C VAL A 207 2.21 -19.10 -4.98
N ASN A 208 1.41 -20.02 -4.44
CA ASN A 208 1.98 -20.94 -3.46
C ASN A 208 3.11 -21.75 -4.07
N GLU A 209 3.02 -22.05 -5.37
CA GLU A 209 4.10 -22.80 -6.02
C GLU A 209 5.37 -21.98 -6.21
N GLN A 210 5.26 -20.68 -6.56
CA GLN A 210 6.46 -19.86 -6.73
C GLN A 210 7.16 -19.56 -5.42
N CYS A 211 6.52 -19.84 -4.28
CA CYS A 211 7.12 -19.56 -2.97
C CYS A 211 8.14 -20.60 -2.56
N GLN A 212 8.19 -21.75 -3.25
CA GLN A 212 9.13 -22.80 -2.92
C GLN A 212 10.53 -22.47 -3.42
N ARG A 213 11.53 -22.85 -2.61
CA ARG A 213 12.90 -22.45 -2.87
C ARG A 213 13.42 -22.75 -4.29
N PRO A 214 13.17 -23.92 -4.88
CA PRO A 214 13.72 -24.17 -6.24
C PRO A 214 13.17 -23.23 -7.31
N ASN A 215 12.06 -22.55 -7.05
CA ASN A 215 11.39 -21.76 -8.06
C ASN A 215 11.77 -20.28 -8.02
N LEU A 216 12.75 -19.92 -7.20
CA LEU A 216 13.14 -18.53 -7.00
C LEU A 216 14.59 -18.34 -7.41
N ALA A 217 14.82 -17.47 -8.40
CA ALA A 217 16.12 -17.38 -9.05
C ALA A 217 17.19 -16.84 -8.11
N PRO A 218 18.44 -17.27 -8.28
CA PRO A 218 19.52 -16.82 -7.40
C PRO A 218 19.60 -15.29 -7.30
N GLY A 219 19.83 -14.81 -6.09
CA GLY A 219 20.08 -13.41 -5.85
C GLY A 219 18.85 -12.54 -5.66
N GLY A 220 17.67 -13.04 -6.02
CA GLY A 220 16.45 -12.25 -5.90
C GLY A 220 15.90 -12.29 -4.47
N PHE A 221 14.85 -11.51 -4.26
CA PHE A 221 14.31 -11.36 -2.90
C PHE A 221 13.86 -12.71 -2.35
N GLY A 222 13.25 -13.55 -3.20
CA GLY A 222 12.74 -14.83 -2.71
C GLY A 222 13.85 -15.76 -2.28
N ALA A 223 14.92 -15.84 -3.07
CA ALA A 223 16.06 -16.65 -2.69
C ALA A 223 16.70 -16.14 -1.40
N CYS A 224 16.74 -14.81 -1.24
CA CYS A 224 17.34 -14.23 -0.05
CA CYS A 224 17.36 -14.27 -0.05
C CYS A 224 16.54 -14.58 1.21
N ILE A 225 15.21 -14.59 1.10
CA ILE A 225 14.41 -15.05 2.24
C ILE A 225 14.79 -16.48 2.60
N HIS A 226 14.84 -17.37 1.61
CA HIS A 226 15.14 -18.76 1.91
C HIS A 226 16.56 -18.91 2.48
N ALA A 227 17.48 -18.03 2.09
CA ALA A 227 18.83 -18.12 2.64
C ALA A 227 18.87 -17.77 4.12
N PHE A 228 17.91 -17.00 4.64
CA PHE A 228 17.90 -16.64 6.05
C PHE A 228 17.39 -17.77 6.94
N THR A 229 17.07 -18.92 6.37
CA THR A 229 16.46 -20.00 7.14
C THR A 229 17.49 -20.78 7.92
N ASP A 230 18.76 -20.37 7.88
N ASP A 230 18.75 -20.39 7.95
CA ASP A 230 19.88 -21.00 8.57
CA ASP A 230 19.72 -21.13 8.74
C ASP A 230 20.23 -20.32 9.88
C ASP A 230 20.36 -20.26 9.82
N THR A 231 19.82 -19.06 10.05
CA THR A 231 20.35 -18.18 11.08
C THR A 231 19.66 -18.33 12.42
N GLY A 232 18.55 -19.06 12.49
CA GLY A 232 17.76 -19.07 13.70
C GLY A 232 16.69 -18.03 13.75
N GLU A 233 16.57 -17.21 12.70
CA GLU A 233 15.51 -16.21 12.70
C GLU A 233 14.22 -16.78 12.14
N ILE A 234 14.29 -17.58 11.07
CA ILE A 234 13.14 -18.29 10.53
C ILE A 234 13.58 -19.71 10.20
N THR A 235 12.61 -20.62 10.18
CA THR A 235 12.89 -21.97 9.76
C THR A 235 12.53 -22.15 8.29
N PRO A 236 13.01 -23.23 7.65
CA PRO A 236 12.71 -23.42 6.23
C PRO A 236 11.23 -23.42 5.91
N ASP A 237 10.38 -23.94 6.81
CA ASP A 237 8.94 -23.96 6.54
C ASP A 237 8.29 -22.59 6.68
N GLU A 238 8.97 -21.61 7.27
CA GLU A 238 8.45 -20.24 7.29
C GLU A 238 8.78 -19.47 6.03
N ALA A 239 9.85 -19.85 5.33
CA ALA A 239 10.28 -19.04 4.18
C ALA A 239 9.22 -18.93 3.09
N PRO A 240 8.51 -19.99 2.69
CA PRO A 240 7.50 -19.80 1.64
C PRO A 240 6.44 -18.79 2.00
N LEU A 241 5.98 -18.74 3.26
CA LEU A 241 4.95 -17.76 3.59
C LEU A 241 5.48 -16.35 3.57
N LEU A 242 6.77 -16.14 3.85
CA LEU A 242 7.32 -14.80 3.77
C LEU A 242 7.48 -14.38 2.31
N VAL A 243 7.86 -15.31 1.43
CA VAL A 243 7.79 -15.04 0.00
C VAL A 243 6.37 -14.67 -0.39
N ARG A 244 5.39 -15.39 0.16
CA ARG A 244 3.98 -15.11 -0.15
C ARG A 244 3.61 -13.68 0.23
N SER A 245 4.13 -13.19 1.35
N SER A 245 4.16 -13.17 1.33
CA SER A 245 3.90 -11.81 1.76
CA SER A 245 3.88 -11.81 1.73
C SER A 245 4.35 -10.83 0.67
C SER A 245 4.38 -10.80 0.70
N LEU A 246 5.55 -11.06 0.10
CA LEU A 246 6.06 -10.13 -0.91
C LEU A 246 5.27 -10.26 -2.22
N LEU A 247 4.85 -11.48 -2.58
CA LEU A 247 4.03 -11.66 -3.77
C LEU A 247 2.60 -11.16 -3.58
N SER A 248 2.15 -11.05 -2.34
CA SER A 248 0.86 -10.43 -2.06
C SER A 248 0.94 -8.92 -2.12
N ALA A 249 1.97 -8.35 -1.52
CA ALA A 249 2.02 -6.91 -1.26
C ALA A 249 2.86 -6.14 -2.26
N GLY A 250 3.92 -6.74 -2.78
CA GLY A 250 4.99 -5.94 -3.31
C GLY A 250 4.76 -5.34 -4.67
N LEU A 251 3.71 -5.75 -5.38
CA LEU A 251 3.47 -5.23 -6.73
C LEU A 251 2.30 -4.26 -6.79
N ASP A 252 1.13 -4.66 -6.31
CA ASP A 252 -0.07 -3.84 -6.45
C ASP A 252 0.02 -2.56 -5.63
N THR A 253 0.72 -2.59 -4.51
CA THR A 253 0.94 -1.37 -3.74
C THR A 253 1.67 -0.33 -4.58
N THR A 254 2.76 -0.75 -5.23
CA THR A 254 3.55 0.19 -6.02
C THR A 254 2.79 0.66 -7.25
N VAL A 255 1.98 -0.22 -7.86
CA VAL A 255 1.12 0.19 -8.98
C VAL A 255 0.27 1.37 -8.54
N ASN A 256 -0.36 1.25 -7.38
CA ASN A 256 -1.22 2.33 -6.94
C ASN A 256 -0.46 3.50 -6.35
N GLY A 257 0.76 3.30 -5.83
CA GLY A 257 1.55 4.45 -5.43
C GLY A 257 2.01 5.27 -6.63
N ILE A 258 2.57 4.60 -7.64
CA ILE A 258 3.00 5.31 -8.85
C ILE A 258 1.80 5.90 -9.58
N GLY A 259 0.71 5.14 -9.70
CA GLY A 259 -0.50 5.69 -10.29
C GLY A 259 -0.97 6.94 -9.57
N ALA A 260 -0.90 6.93 -8.23
CA ALA A 260 -1.29 8.11 -7.46
C ALA A 260 -0.41 9.29 -7.80
N ALA A 261 0.92 9.06 -7.87
CA ALA A 261 1.84 10.15 -8.16
C ALA A 261 1.61 10.73 -9.54
N VAL A 262 1.39 9.87 -10.54
CA VAL A 262 1.14 10.39 -11.88
C VAL A 262 -0.19 11.13 -11.93
N TYR A 263 -1.20 10.62 -11.25
CA TYR A 263 -2.49 11.31 -11.22
C TYR A 263 -2.36 12.67 -10.56
N CYS A 264 -1.57 12.76 -9.49
CA CYS A 264 -1.33 14.04 -8.84
C CYS A 264 -0.63 14.99 -9.79
N LEU A 265 0.41 14.52 -10.47
CA LEU A 265 1.12 15.42 -11.37
C LEU A 265 0.24 15.86 -12.53
N ALA A 266 -0.67 15.00 -12.96
CA ALA A 266 -1.58 15.35 -14.06
C ALA A 266 -2.59 16.40 -13.61
N ARG A 267 -3.06 16.33 -12.37
CA ARG A 267 -4.05 17.28 -11.88
C ARG A 267 -3.46 18.59 -11.38
N PHE A 268 -2.18 18.59 -10.96
N PHE A 268 -2.18 18.62 -11.03
CA PHE A 268 -1.51 19.75 -10.37
CA PHE A 268 -1.56 19.80 -10.43
C PHE A 268 -0.30 20.10 -11.25
C PHE A 268 -0.33 20.15 -11.23
N PRO A 269 -0.52 20.72 -12.42
CA PRO A 269 0.61 20.97 -13.33
C PRO A 269 1.67 21.89 -12.74
N GLY A 270 1.29 22.81 -11.85
CA GLY A 270 2.29 23.65 -11.20
C GLY A 270 3.31 22.82 -10.43
N GLU A 271 2.86 21.69 -9.87
CA GLU A 271 3.80 20.83 -9.16
C GLU A 271 4.64 20.01 -10.12
N LEU A 272 4.10 19.62 -11.27
CA LEU A 272 4.95 19.02 -12.28
C LEU A 272 6.04 19.99 -12.70
N GLN A 273 5.71 21.28 -12.84
CA GLN A 273 6.72 22.24 -13.27
CA GLN A 273 6.72 22.24 -13.27
C GLN A 273 7.79 22.42 -12.19
N ARG A 274 7.40 22.41 -10.91
CA ARG A 274 8.40 22.48 -9.85
C ARG A 274 9.31 21.25 -9.87
N LEU A 275 8.72 20.08 -10.12
CA LEU A 275 9.50 18.85 -10.15
C LEU A 275 10.48 18.85 -11.32
N ARG A 276 10.04 19.32 -12.49
CA ARG A 276 10.96 19.48 -13.62
C ARG A 276 12.12 20.40 -13.25
N SER A 277 11.84 21.49 -12.53
N SER A 277 11.83 21.50 -12.53
CA SER A 277 12.90 22.44 -12.23
CA SER A 277 12.86 22.46 -12.18
C SER A 277 13.89 21.93 -11.19
C SER A 277 13.90 21.85 -11.25
N ASP A 278 13.49 20.95 -10.36
CA ASP A 278 14.41 20.33 -9.41
C ASP A 278 14.06 18.86 -9.30
N PRO A 279 14.65 18.01 -10.15
CA PRO A 279 14.33 16.57 -10.12
C PRO A 279 14.73 15.90 -8.81
N THR A 280 15.54 16.55 -7.96
CA THR A 280 15.83 15.92 -6.67
C THR A 280 14.63 15.96 -5.73
N LEU A 281 13.55 16.64 -6.12
CA LEU A 281 12.29 16.57 -5.37
C LEU A 281 11.49 15.30 -5.67
N ALA A 282 11.99 14.43 -6.57
CA ALA A 282 11.25 13.23 -6.97
C ALA A 282 10.84 12.37 -5.77
N ARG A 283 11.77 12.11 -4.87
CA ARG A 283 11.44 11.22 -3.75
C ARG A 283 10.35 11.82 -2.88
N ASN A 284 10.45 13.10 -2.56
CA ASN A 284 9.40 13.72 -1.74
C ASN A 284 8.11 13.91 -2.52
N ALA A 285 8.17 14.13 -3.83
CA ALA A 285 6.94 14.19 -4.62
C ALA A 285 6.19 12.86 -4.58
N PHE A 286 6.93 11.75 -4.58
CA PHE A 286 6.29 10.45 -4.42
C PHE A 286 5.72 10.27 -3.01
N GLU A 287 6.48 10.66 -1.99
CA GLU A 287 5.99 10.55 -0.62
C GLU A 287 4.72 11.36 -0.41
N GLU A 288 4.67 12.56 -0.98
CA GLU A 288 3.48 13.40 -0.88
C GLU A 288 2.30 12.76 -1.59
N ALA A 289 2.55 12.06 -2.70
CA ALA A 289 1.48 11.37 -3.38
C ALA A 289 0.93 10.22 -2.54
N VAL A 290 1.83 9.54 -1.81
CA VAL A 290 1.38 8.50 -0.89
C VAL A 290 0.49 9.10 0.20
N ARG A 291 0.89 10.24 0.78
CA ARG A 291 0.02 10.89 1.77
C ARG A 291 -1.29 11.31 1.14
N PHE A 292 -1.21 11.99 -0.02
CA PHE A 292 -2.35 12.64 -0.63
C PHE A 292 -3.41 11.64 -1.07
N GLU A 293 -2.98 10.56 -1.73
CA GLU A 293 -3.94 9.57 -2.18
C GLU A 293 -4.13 8.42 -1.20
N SER A 294 -3.09 8.09 -0.44
CA SER A 294 -3.11 6.97 0.51
C SER A 294 -3.61 5.70 -0.19
N PRO A 295 -2.82 5.15 -1.10
CA PRO A 295 -3.24 3.95 -1.86
C PRO A 295 -3.72 2.82 -0.99
N VAL A 296 -3.07 2.60 0.15
CA VAL A 296 -3.59 1.68 1.16
C VAL A 296 -4.45 2.49 2.11
N GLN A 297 -5.77 2.32 2.01
CA GLN A 297 -6.70 3.24 2.66
C GLN A 297 -6.96 2.91 4.12
N THR A 298 -7.01 1.63 4.47
CA THR A 298 -7.59 1.18 5.72
C THR A 298 -6.88 -0.07 6.16
N PHE A 299 -6.79 -0.25 7.48
CA PHE A 299 -6.51 -1.55 8.07
C PHE A 299 -7.25 -1.60 9.39
N PHE A 300 -7.49 -2.82 9.87
CA PHE A 300 -8.14 -3.04 11.15
C PHE A 300 -7.13 -3.49 12.21
N ARG A 301 -7.51 -3.33 13.46
CA ARG A 301 -6.91 -4.00 14.61
C ARG A 301 -8.02 -4.64 15.42
N THR A 302 -7.66 -5.49 16.39
CA THR A 302 -8.63 -6.07 17.30
C THR A 302 -8.17 -5.80 18.72
N THR A 303 -9.07 -5.31 19.57
CA THR A 303 -8.69 -5.00 20.95
C THR A 303 -8.49 -6.27 21.76
N THR A 304 -7.45 -6.28 22.59
CA THR A 304 -7.15 -7.43 23.43
C THR A 304 -7.61 -7.23 24.86
N ARG A 305 -8.12 -6.04 25.18
CA ARG A 305 -8.66 -5.70 26.49
C ARG A 305 -9.63 -4.53 26.30
N GLU A 306 -10.39 -4.24 27.35
CA GLU A 306 -11.08 -2.97 27.40
C GLU A 306 -10.06 -1.84 27.37
N VAL A 307 -10.36 -0.78 26.62
CA VAL A 307 -9.40 0.31 26.43
C VAL A 307 -10.16 1.62 26.28
N GLU A 308 -9.57 2.68 26.82
CA GLU A 308 -10.05 4.04 26.61
C GLU A 308 -9.27 4.67 25.46
N LEU A 309 -9.99 5.11 24.43
CA LEU A 309 -9.37 5.73 23.26
C LEU A 309 -10.16 6.98 22.92
N GLY A 310 -9.46 8.12 22.88
CA GLY A 310 -10.13 9.39 22.62
C GLY A 310 -11.35 9.64 23.48
N GLY A 311 -11.25 9.30 24.77
CA GLY A 311 -12.36 9.47 25.69
C GLY A 311 -13.44 8.41 25.61
N ALA A 312 -13.38 7.50 24.64
CA ALA A 312 -14.37 6.44 24.51
C ALA A 312 -13.84 5.14 25.11
N VAL A 313 -14.76 4.27 25.53
CA VAL A 313 -14.42 2.98 26.11
C VAL A 313 -14.80 1.90 25.12
N ILE A 314 -13.80 1.14 24.67
CA ILE A 314 -13.99 0.05 23.73
C ILE A 314 -13.74 -1.27 24.46
N GLY A 315 -14.66 -2.21 24.32
CA GLY A 315 -14.51 -3.49 24.96
C GLY A 315 -13.44 -4.36 24.30
N GLU A 316 -13.14 -5.47 24.97
CA GLU A 316 -12.22 -6.48 24.45
C GLU A 316 -12.81 -7.14 23.21
N GLY A 317 -11.93 -7.54 22.29
CA GLY A 317 -12.35 -8.34 21.16
C GLY A 317 -13.15 -7.58 20.14
N GLU A 318 -12.92 -6.27 20.02
CA GLU A 318 -13.65 -5.43 19.10
C GLU A 318 -12.75 -5.05 17.94
N LYS A 319 -13.31 -5.03 16.76
CA LYS A 319 -12.57 -4.58 15.59
C LYS A 319 -12.57 -3.06 15.53
N VAL A 320 -11.40 -2.50 15.22
CA VAL A 320 -11.20 -1.07 15.12
C VAL A 320 -10.66 -0.79 13.72
N LEU A 321 -11.40 -0.01 12.94
CA LEU A 321 -11.03 0.33 11.57
C LEU A 321 -10.28 1.66 11.56
N MET A 322 -9.04 1.64 11.08
CA MET A 322 -8.21 2.83 10.96
C MET A 322 -8.30 3.39 9.55
N PHE A 323 -8.71 4.65 9.44
CA PHE A 323 -8.77 5.31 8.14
C PHE A 323 -7.44 6.03 7.91
N LEU A 324 -6.48 5.34 7.29
CA LEU A 324 -5.17 5.92 7.02
C LEU A 324 -5.26 7.12 6.09
N GLY A 325 -6.08 7.03 5.05
CA GLY A 325 -6.20 8.14 4.11
C GLY A 325 -6.81 9.36 4.77
N SER A 326 -7.79 9.14 5.63
CA SER A 326 -8.40 10.25 6.37
C SER A 326 -7.39 10.90 7.32
N ALA A 327 -6.63 10.07 8.05
CA ALA A 327 -5.61 10.59 8.94
C ALA A 327 -4.62 11.46 8.17
N ASN A 328 -4.33 11.06 6.93
CA ASN A 328 -3.41 11.80 6.08
C ASN A 328 -4.02 13.07 5.50
N ARG A 329 -5.32 13.31 5.68
N ARG A 329 -5.33 13.30 5.67
CA ARG A 329 -5.94 14.57 5.25
CA ARG A 329 -5.99 14.52 5.24
C ARG A 329 -6.56 15.33 6.41
C ARG A 329 -6.56 15.33 6.40
N ASP A 330 -6.22 14.97 7.63
CA ASP A 330 -6.83 15.57 8.81
C ASP A 330 -6.28 16.97 9.01
N PRO A 331 -7.12 18.01 8.94
CA PRO A 331 -6.62 19.38 9.14
C PRO A 331 -6.14 19.65 10.56
N ARG A 332 -6.47 18.77 11.51
CA ARG A 332 -5.89 18.88 12.84
C ARG A 332 -4.39 18.62 12.84
N ARG A 333 -3.88 17.91 11.83
CA ARG A 333 -2.48 17.57 11.70
C ARG A 333 -1.78 18.29 10.56
N TRP A 334 -2.48 18.50 9.44
CA TRP A 334 -1.86 18.98 8.21
C TRP A 334 -2.37 20.35 7.83
N SER A 335 -1.47 21.22 7.40
N SER A 335 -1.47 21.22 7.39
CA SER A 335 -1.88 22.48 6.78
CA SER A 335 -1.87 22.47 6.78
C SER A 335 -2.24 22.22 5.33
C SER A 335 -2.24 22.23 5.33
N ASP A 336 -3.40 22.74 4.91
CA ASP A 336 -3.88 22.58 3.54
C ASP A 336 -3.84 21.12 3.11
N PRO A 337 -4.49 20.23 3.87
CA PRO A 337 -4.33 18.78 3.63
C PRO A 337 -4.74 18.34 2.24
N ASP A 338 -5.68 19.03 1.60
CA ASP A 338 -6.20 18.63 0.31
C ASP A 338 -5.42 19.25 -0.85
N LEU A 339 -4.25 19.81 -0.57
CA LEU A 339 -3.35 20.31 -1.61
C LEU A 339 -2.20 19.33 -1.76
N TYR A 340 -1.81 19.08 -3.01
CA TYR A 340 -0.65 18.26 -3.35
C TYR A 340 0.56 19.20 -3.39
N ASP A 341 1.51 19.03 -2.47
CA ASP A 341 2.63 19.96 -2.33
C ASP A 341 3.92 19.16 -2.23
N ILE A 342 4.70 19.16 -3.32
CA ILE A 342 5.86 18.27 -3.38
C ILE A 342 7.01 18.71 -2.49
N THR A 343 6.96 19.89 -1.87
CA THR A 343 7.96 20.25 -0.87
C THR A 343 7.41 20.19 0.56
N ARG A 344 6.21 19.61 0.75
CA ARG A 344 5.64 19.46 2.09
C ARG A 344 6.56 18.63 2.98
N LYS A 345 6.65 19.00 4.26
CA LYS A 345 7.25 18.11 5.25
C LYS A 345 6.28 16.97 5.50
N THR A 346 6.53 15.83 4.86
CA THR A 346 5.61 14.70 4.88
C THR A 346 5.88 13.72 6.01
N SER A 347 6.99 13.89 6.74
N SER A 347 6.99 13.90 6.73
N SER A 347 6.99 13.90 6.73
CA SER A 347 7.35 12.94 7.77
CA SER A 347 7.34 12.96 7.79
CA SER A 347 7.35 12.95 7.79
C SER A 347 6.23 12.83 8.80
C SER A 347 6.21 12.83 8.81
C SER A 347 6.21 12.84 8.79
N GLY A 348 5.85 11.59 9.13
CA GLY A 348 4.78 11.33 10.05
C GLY A 348 3.46 10.94 9.41
N HIS A 349 3.31 11.12 8.10
CA HIS A 349 2.12 10.56 7.48
C HIS A 349 2.07 9.06 7.75
N VAL A 350 0.85 8.51 7.69
CA VAL A 350 0.61 7.11 8.04
C VAL A 350 0.27 6.27 6.80
N GLY A 351 0.63 6.75 5.60
CA GLY A 351 0.35 5.99 4.40
C GLY A 351 1.12 4.69 4.29
N PHE A 352 2.24 4.58 5.01
CA PHE A 352 2.98 3.33 5.18
C PHE A 352 2.76 2.74 6.55
N GLY A 353 1.80 3.24 7.30
CA GLY A 353 1.60 2.78 8.67
C GLY A 353 2.53 3.52 9.62
N SER A 354 2.69 2.95 10.81
CA SER A 354 3.49 3.57 11.86
C SER A 354 3.77 2.53 12.92
N GLY A 355 4.99 2.53 13.46
CA GLY A 355 5.29 1.58 14.51
C GLY A 355 5.83 0.24 14.05
N VAL A 356 5.52 -0.82 14.79
CA VAL A 356 6.25 -2.06 14.58
C VAL A 356 5.90 -2.73 13.26
N HIS A 357 4.73 -2.46 12.68
CA HIS A 357 4.35 -3.04 11.40
C HIS A 357 4.56 -2.08 10.25
N MET A 358 5.15 -0.91 10.50
N MET A 358 5.16 -0.91 10.49
CA MET A 358 5.34 0.06 9.43
CA MET A 358 5.31 0.09 9.42
C MET A 358 5.95 -0.61 8.21
C MET A 358 6.00 -0.51 8.21
N CYS A 359 5.44 -0.24 7.02
CA CYS A 359 5.77 -0.95 5.78
C CYS A 359 7.23 -1.39 5.64
N VAL A 360 7.48 -2.71 5.73
CA VAL A 360 8.86 -3.18 5.61
C VAL A 360 9.38 -3.08 4.18
N GLY A 361 8.49 -2.98 3.19
CA GLY A 361 8.85 -2.76 1.82
C GLY A 361 8.95 -1.31 1.39
N GLN A 362 8.91 -0.36 2.33
CA GLN A 362 8.83 1.04 1.92
C GLN A 362 10.06 1.52 1.14
N LEU A 363 11.23 0.91 1.37
CA LEU A 363 12.38 1.34 0.58
C LEU A 363 12.26 0.89 -0.87
N VAL A 364 11.64 -0.27 -1.13
CA VAL A 364 11.38 -0.66 -2.51
C VAL A 364 10.35 0.27 -3.14
N ALA A 365 9.25 0.53 -2.43
CA ALA A 365 8.22 1.42 -2.93
C ALA A 365 8.78 2.80 -3.27
N ARG A 366 9.57 3.35 -2.36
CA ARG A 366 10.13 4.68 -2.59
C ARG A 366 11.15 4.66 -3.73
N LEU A 367 11.94 3.59 -3.85
CA LEU A 367 12.89 3.52 -4.96
C LEU A 367 12.17 3.56 -6.30
N GLU A 368 11.15 2.72 -6.47
CA GLU A 368 10.38 2.69 -7.72
C GLU A 368 9.74 4.04 -7.99
N GLY A 369 9.04 4.59 -6.99
CA GLY A 369 8.40 5.88 -7.16
C GLY A 369 9.38 6.98 -7.50
N GLU A 370 10.52 7.01 -6.80
CA GLU A 370 11.53 8.03 -7.05
C GLU A 370 12.06 7.95 -8.47
N VAL A 371 12.49 6.76 -8.91
CA VAL A 371 13.14 6.71 -10.21
C VAL A 371 12.12 6.94 -11.32
N MET A 372 10.85 6.57 -11.13
CA MET A 372 9.88 6.89 -12.16
C MET A 372 9.61 8.39 -12.20
N LEU A 373 9.45 9.03 -11.05
N LEU A 373 9.46 9.04 -11.04
CA LEU A 373 9.22 10.47 -11.04
CA LEU A 373 9.22 10.47 -11.04
C LEU A 373 10.44 11.25 -11.51
C LEU A 373 10.45 11.25 -11.51
N SER A 374 11.66 10.70 -11.32
CA SER A 374 12.86 11.33 -11.85
C SER A 374 12.87 11.27 -13.37
N ALA A 375 12.53 10.11 -13.93
CA ALA A 375 12.40 9.97 -15.38
C ALA A 375 11.40 10.97 -15.94
N LEU A 376 10.22 11.10 -15.29
CA LEU A 376 9.24 12.07 -15.76
C LEU A 376 9.79 13.48 -15.67
N ALA A 377 10.44 13.81 -14.54
CA ALA A 377 10.93 15.17 -14.33
C ALA A 377 11.93 15.57 -15.41
N ARG A 378 12.76 14.63 -15.84
CA ARG A 378 13.80 14.94 -16.82
C ARG A 378 13.31 14.86 -18.26
N LYS A 379 12.26 14.08 -18.52
CA LYS A 379 11.88 13.78 -19.89
C LYS A 379 10.55 14.36 -20.35
N VAL A 380 9.67 14.79 -19.45
CA VAL A 380 8.31 15.15 -19.80
C VAL A 380 8.06 16.62 -19.46
N ALA A 381 7.45 17.34 -20.40
CA ALA A 381 7.12 18.74 -20.17
C ALA A 381 5.68 18.98 -19.73
N ALA A 382 4.75 18.09 -20.09
CA ALA A 382 3.37 18.24 -19.70
C ALA A 382 2.73 16.87 -19.64
N ILE A 383 1.77 16.73 -18.73
CA ILE A 383 0.96 15.52 -18.57
C ILE A 383 -0.48 16.00 -18.58
N ASP A 384 -1.21 15.71 -19.65
CA ASP A 384 -2.55 16.23 -19.83
C ASP A 384 -3.54 15.07 -19.91
N ILE A 385 -4.53 15.08 -19.02
CA ILE A 385 -5.57 14.06 -19.11
C ILE A 385 -6.33 14.28 -20.40
N ASP A 386 -6.46 13.23 -21.20
CA ASP A 386 -7.05 13.41 -22.52
C ASP A 386 -8.04 12.31 -22.84
N GLY A 387 -8.70 11.77 -21.81
CA GLY A 387 -9.71 10.75 -21.98
C GLY A 387 -10.42 10.53 -20.67
N PRO A 388 -11.45 9.68 -20.68
CA PRO A 388 -12.24 9.46 -19.45
C PRO A 388 -11.42 8.75 -18.38
N VAL A 389 -11.48 9.27 -17.16
CA VAL A 389 -10.80 8.65 -16.04
C VAL A 389 -11.73 7.62 -15.42
N LYS A 390 -11.23 6.42 -15.18
CA LYS A 390 -12.02 5.32 -14.64
C LYS A 390 -11.38 4.86 -13.34
N ARG A 391 -12.16 4.81 -12.27
CA ARG A 391 -11.65 4.37 -10.98
C ARG A 391 -11.72 2.85 -10.84
N ARG A 392 -10.76 2.29 -10.10
CA ARG A 392 -10.74 0.87 -9.78
C ARG A 392 -11.22 0.72 -8.34
N PHE A 393 -12.14 -0.22 -8.12
CA PHE A 393 -12.75 -0.41 -6.80
C PHE A 393 -12.16 -1.63 -6.11
N ASN A 394 -11.70 -1.43 -4.88
CA ASN A 394 -11.09 -2.48 -4.09
C ASN A 394 -11.35 -2.14 -2.62
N ASN A 395 -11.55 -3.15 -1.80
CA ASN A 395 -11.92 -2.90 -0.41
C ASN A 395 -10.81 -2.22 0.39
N THR A 396 -9.56 -2.32 -0.04
CA THR A 396 -8.43 -1.73 0.69
C THR A 396 -7.63 -0.73 -0.14
N LEU A 397 -7.45 -0.97 -1.44
CA LEU A 397 -6.65 -0.11 -2.28
C LEU A 397 -7.47 0.98 -2.97
N ARG A 398 -6.90 2.18 -3.02
CA ARG A 398 -7.48 3.29 -3.77
C ARG A 398 -6.61 3.57 -4.98
N GLY A 399 -7.23 3.60 -6.15
CA GLY A 399 -6.47 3.90 -7.35
C GLY A 399 -7.37 3.83 -8.57
N LEU A 400 -6.75 4.07 -9.72
CA LEU A 400 -7.49 4.18 -10.96
C LEU A 400 -7.35 2.91 -11.80
N GLU A 401 -8.41 2.62 -12.56
CA GLU A 401 -8.40 1.58 -13.58
C GLU A 401 -7.78 2.11 -14.87
N SER A 402 -8.09 3.34 -15.24
CA SER A 402 -7.61 3.91 -16.50
C SER A 402 -7.38 5.40 -16.32
N LEU A 403 -6.24 5.88 -16.83
CA LEU A 403 -5.85 7.29 -16.74
C LEU A 403 -5.27 7.70 -18.07
N PRO A 404 -6.11 8.01 -19.06
CA PRO A 404 -5.59 8.44 -20.37
C PRO A 404 -4.89 9.79 -20.28
N VAL A 405 -3.63 9.83 -20.68
CA VAL A 405 -2.88 11.08 -20.67
C VAL A 405 -2.11 11.23 -21.97
N LYS A 406 -1.91 12.48 -22.34
CA LYS A 406 -0.94 12.86 -23.37
C LYS A 406 0.34 13.31 -22.67
N LEU A 407 1.46 12.71 -23.04
CA LEU A 407 2.77 13.11 -22.55
C LEU A 407 3.43 14.00 -23.60
N THR A 408 3.75 15.24 -23.22
CA THR A 408 4.55 16.09 -24.11
C THR A 408 6.02 15.98 -23.74
N PRO A 409 6.92 15.72 -24.69
CA PRO A 409 8.34 15.59 -24.34
C PRO A 409 8.95 16.93 -23.98
N ALA A 410 9.96 16.87 -23.13
CA ALA A 410 10.73 18.06 -22.74
C ALA A 410 11.51 18.61 -23.92
CHA HEM B . 3.11 -3.11 5.75
CHB HEM B . 1.49 0.42 2.83
CHC HEM B . 4.60 -1.11 -0.58
CHD HEM B . 5.44 -5.12 1.99
C1A HEM B . 2.46 -2.00 5.28
C2A HEM B . 1.55 -1.18 6.05
C3A HEM B . 1.10 -0.21 5.22
C4A HEM B . 1.71 -0.38 3.93
CMA HEM B . 0.10 0.91 5.59
CAA HEM B . 1.18 -1.35 7.54
CBA HEM B . 0.21 -2.51 7.77
CGA HEM B . -0.31 -2.56 9.18
O1A HEM B . -1.07 -3.51 9.51
O2A HEM B . 0.04 -1.67 10.00
C1B HEM B . 2.22 0.34 1.66
C2B HEM B . 2.20 1.30 0.56
C3B HEM B . 3.06 0.86 -0.37
C4B HEM B . 3.65 -0.37 0.12
CMB HEM B . 1.32 2.58 0.52
CAB HEM B . 3.47 1.48 -1.72
CBB HEM B . 3.32 2.78 -2.04
C1C HEM B . 5.12 -2.32 -0.17
C2C HEM B . 6.08 -3.09 -0.90
C3C HEM B . 6.30 -4.22 -0.19
C4C HEM B . 5.50 -4.16 1.00
CMC HEM B . 6.70 -2.67 -2.24
CAC HEM B . 7.24 -5.40 -0.48
CBC HEM B . 8.26 -5.36 -1.35
C1D HEM B . 4.88 -4.93 3.22
C2D HEM B . 4.86 -5.88 4.29
C3D HEM B . 4.22 -5.34 5.35
C4D HEM B . 3.81 -4.00 4.97
CMD HEM B . 5.49 -7.28 4.17
CAD HEM B . 3.98 -6.00 6.73
CBD HEM B . 5.04 -5.45 7.70
CGD HEM B . 4.77 -5.89 9.13
O1D HEM B . 5.69 -5.77 9.98
O2D HEM B . 3.64 -6.35 9.40
NA HEM B . 2.53 -1.49 3.98
NB HEM B . 3.11 -0.67 1.34
NC HEM B . 4.79 -2.99 0.99
ND HEM B . 4.20 -3.80 3.66
FE HEM B . 3.73 -2.18 2.52
C10 PQP C . 0.51 -2.84 2.28
C14 PQP C . 1.70 -8.19 3.83
C13 PQP C . 1.62 -6.87 3.54
C12 PQP C . 1.88 -4.47 2.24
C02 PQP C . 1.00 -10.48 3.71
C04 PQP C . 0.77 -9.04 3.32
C05 PQP C . -0.30 -8.59 2.53
C06 PQP C . -0.38 -7.23 2.23
C07 PQP C . 0.57 -6.38 2.78
C09 PQP C . -0.19 -4.02 2.58
N08 PQP C . 0.70 -4.97 2.54
N11 PQP C . 1.79 -3.19 2.07
O01 PQP C . 0.39 -11.39 3.16
O03 PQP C . 1.90 -10.70 4.58
CL CL D . -2.24 -18.14 -1.38
#